data_6X95
#
_entry.id   6X95
#
_cell.length_a   45.190
_cell.length_b   50.030
_cell.length_c   77.790
_cell.angle_alpha   90.000
_cell.angle_beta   90.000
_cell.angle_gamma   90.000
#
_symmetry.space_group_name_H-M   'P 21 21 21'
#
loop_
_entity.id
_entity.type
_entity.pdbx_description
1 polymer 'Antifreeze protein'
2 non-polymer 2-deoxy-alpha-D-arabino-hexopyranose
3 non-polymer 'CALCIUM ION'
4 non-polymer 1,2-ETHANEDIOL
5 water water
#
_entity_poly.entity_id   1
_entity_poly.type   'polypeptide(L)'
_entity_poly.pdbx_seq_one_letter_code
;AQDDSTPDSLFAGLVGEYYGTNSQLNNISDFRALVDSKEADATFEAANISYGRGSSDVAKGTHLQEFLGSDASTLSTDPG
DNTDGGIYLQGYVYLEAGTYNFKVTADDGYEITINGNPVATVDNNQSVYTVTHASFTISESGYQAIDMIWWDQGGDYVFQ
PTLSADGGSTYFVLDSAILSSTGETPYTTAQ
;
_entity_poly.pdbx_strand_id   A
#
loop_
_chem_comp.id
_chem_comp.type
_chem_comp.name
_chem_comp.formula
CA non-polymer 'CALCIUM ION' 'Ca 2'
EDO non-polymer 1,2-ETHANEDIOL 'C2 H6 O2'
Z61 D-saccharide, alpha linking 2-deoxy-alpha-D-arabino-hexopyranose 'C6 H12 O5'
#
# COMPACT_ATOMS: atom_id res chain seq x y z
N PRO A 7 19.25 4.83 13.71
CA PRO A 7 19.31 5.22 12.29
C PRO A 7 18.26 4.42 11.49
N ASP A 8 17.72 5.00 10.44
CA ASP A 8 16.63 4.35 9.67
C ASP A 8 17.18 3.89 8.34
N SER A 9 16.78 2.72 7.87
CA SER A 9 17.24 2.24 6.58
C SER A 9 16.76 3.17 5.45
N LEU A 10 17.70 3.57 4.58
CA LEU A 10 17.39 4.33 3.36
C LEU A 10 17.29 3.35 2.20
N PHE A 11 16.11 3.26 1.59
CA PHE A 11 15.91 2.44 0.41
C PHE A 11 14.85 3.10 -0.45
N ALA A 12 14.78 2.66 -1.70
CA ALA A 12 13.88 3.24 -2.69
C ALA A 12 12.54 2.52 -2.58
N GLY A 13 11.78 2.85 -1.56
CA GLY A 13 10.53 2.18 -1.24
C GLY A 13 9.91 2.80 -0.01
N LEU A 14 8.70 2.34 0.32
CA LEU A 14 8.08 2.71 1.58
C LEU A 14 8.40 1.67 2.64
N VAL A 15 8.38 2.11 3.90
CA VAL A 15 8.52 1.18 5.01
C VAL A 15 7.22 0.41 5.12
N GLY A 16 7.30 -0.92 5.05
CA GLY A 16 6.13 -1.77 5.05
C GLY A 16 6.02 -2.58 6.33
N GLU A 17 4.79 -2.68 6.83
CA GLU A 17 4.45 -3.55 7.94
C GLU A 17 3.25 -4.38 7.55
N TYR A 18 3.30 -5.67 7.82
CA TYR A 18 2.19 -6.59 7.64
C TYR A 18 1.64 -6.99 9.00
N TYR A 19 0.31 -7.04 9.11
CA TYR A 19 -0.37 -7.48 10.31
C TYR A 19 -1.45 -8.47 9.92
N GLY A 20 -1.49 -9.61 10.63
CA GLY A 20 -2.57 -10.57 10.51
C GLY A 20 -3.40 -10.65 11.77
N THR A 21 -4.62 -11.14 11.63
CA THR A 21 -5.56 -11.28 12.73
C THR A 21 -6.57 -12.35 12.41
N ASN A 22 -7.21 -12.89 13.47
CA ASN A 22 -8.29 -13.85 13.31
C ASN A 22 -9.63 -13.22 13.64
N SER A 23 -9.68 -11.91 13.79
CA SER A 23 -10.91 -11.13 13.85
C SER A 23 -11.22 -10.58 12.46
N GLN A 24 -12.47 -10.12 12.30
CA GLN A 24 -12.89 -9.61 11.01
C GLN A 24 -12.45 -8.16 10.80
N LEU A 25 -11.88 -7.89 9.64
CA LEU A 25 -11.57 -6.52 9.21
C LEU A 25 -12.70 -6.06 8.29
N ASN A 26 -13.45 -5.06 8.71
CA ASN A 26 -14.56 -4.52 7.92
C ASN A 26 -14.29 -3.16 7.30
N ASN A 27 -13.29 -2.44 7.79
CA ASN A 27 -13.12 -1.05 7.40
C ASN A 27 -11.73 -0.59 7.81
N ILE A 28 -11.43 0.67 7.48
CA ILE A 28 -10.10 1.21 7.72
C ILE A 28 -9.79 1.24 9.22
N SER A 29 -10.78 1.65 10.03
CA SER A 29 -10.56 1.73 11.47
C SER A 29 -10.23 0.39 12.09
N ASP A 30 -10.83 -0.69 11.60
CA ASP A 30 -10.50 -2.01 12.11
C ASP A 30 -9.05 -2.36 11.83
N PHE A 31 -8.58 -2.08 10.61
CA PHE A 31 -7.19 -2.36 10.29
C PHE A 31 -6.25 -1.47 11.11
N ARG A 32 -6.56 -0.19 11.22
CA ARG A 32 -5.74 0.68 12.04
C ARG A 32 -5.66 0.19 13.49
N ALA A 33 -6.77 -0.31 14.04
CA ALA A 33 -6.74 -0.85 15.39
C ALA A 33 -5.84 -2.07 15.48
N LEU A 34 -5.85 -2.90 14.44
CA LEU A 34 -4.92 -4.02 14.41
C LEU A 34 -3.46 -3.56 14.43
N VAL A 35 -3.14 -2.58 13.58
CA VAL A 35 -1.79 -2.00 13.56
C VAL A 35 -1.39 -1.54 14.96
N ASP A 36 -2.30 -0.87 15.66
CA ASP A 36 -1.97 -0.29 16.95
C ASP A 36 -1.96 -1.33 18.05
N SER A 37 -2.43 -2.55 17.82
CA SER A 37 -2.57 -3.53 18.88
C SER A 37 -1.29 -4.30 19.19
N LYS A 38 -0.29 -4.30 18.33
CA LYS A 38 0.84 -5.20 18.48
C LYS A 38 1.95 -4.75 17.56
N GLU A 39 3.11 -5.39 17.71
CA GLU A 39 4.18 -5.23 16.72
C GLU A 39 3.80 -5.92 15.42
N ALA A 40 4.30 -5.40 14.30
CA ALA A 40 4.04 -5.99 13.00
C ALA A 40 4.39 -7.45 13.00
N ASP A 41 3.57 -8.26 12.35
CA ASP A 41 3.90 -9.66 12.15
C ASP A 41 5.04 -9.85 11.17
N ALA A 42 5.25 -8.90 10.26
CA ALA A 42 6.46 -8.88 9.45
C ALA A 42 6.68 -7.48 8.94
N THR A 43 7.93 -7.11 8.68
CA THR A 43 8.25 -5.87 8.01
C THR A 43 8.84 -6.18 6.64
N PHE A 44 8.79 -5.20 5.75
CA PHE A 44 9.34 -5.36 4.42
C PHE A 44 9.55 -3.99 3.79
N GLU A 45 10.26 -3.97 2.67
CA GLU A 45 10.48 -2.79 1.86
C GLU A 45 9.47 -2.81 0.71
N ALA A 46 8.62 -1.80 0.64
CA ALA A 46 7.61 -1.71 -0.41
C ALA A 46 8.16 -0.86 -1.55
N ALA A 47 8.89 -1.52 -2.45
CA ALA A 47 9.57 -0.89 -3.57
C ALA A 47 8.84 -1.02 -4.89
N ASN A 48 7.76 -1.80 -4.96
CA ASN A 48 7.05 -1.95 -6.24
C ASN A 48 5.60 -2.26 -5.87
N ILE A 49 4.80 -1.21 -5.71
CA ILE A 49 3.51 -1.30 -5.03
C ILE A 49 2.44 -1.71 -6.05
N SER A 50 2.50 -2.98 -6.40
CA SER A 50 1.56 -3.60 -7.33
C SER A 50 1.49 -5.05 -6.89
N TYR A 51 0.48 -5.38 -6.09
CA TYR A 51 0.46 -6.63 -5.35
C TYR A 51 -0.76 -7.48 -5.75
N GLY A 52 -0.59 -8.79 -5.73
CA GLY A 52 -1.68 -9.68 -6.12
C GLY A 52 -1.81 -9.77 -7.62
N ARG A 53 -2.90 -10.36 -8.13
CA ARG A 53 -4.05 -10.91 -7.43
C ARG A 53 -3.87 -12.36 -7.04
N GLY A 54 -4.42 -12.74 -5.89
CA GLY A 54 -4.47 -14.13 -5.49
C GLY A 54 -5.79 -14.46 -4.80
N SER A 55 -5.89 -15.72 -4.40
CA SER A 55 -7.09 -16.29 -3.81
C SER A 55 -6.77 -17.03 -2.51
N SER A 56 -7.82 -17.38 -1.78
CA SER A 56 -7.73 -18.23 -0.60
C SER A 56 -6.99 -17.56 0.56
N ASP A 57 -7.19 -16.25 0.72
CA ASP A 57 -6.86 -15.45 1.90
C ASP A 57 -5.40 -14.98 1.90
N VAL A 58 -5.16 -13.66 1.94
CA VAL A 58 -3.77 -13.19 1.92
C VAL A 58 -2.99 -13.70 3.12
N ALA A 59 -3.67 -13.94 4.25
CA ALA A 59 -3.01 -14.22 5.52
C ALA A 59 -2.69 -15.69 5.72
N LYS A 60 -3.04 -16.53 4.77
CA LYS A 60 -2.81 -17.97 4.85
C LYS A 60 -1.56 -18.39 4.06
N GLY A 61 -0.84 -19.37 4.61
CA GLY A 61 0.21 -20.02 3.86
C GLY A 61 1.23 -19.04 3.33
N THR A 62 1.58 -19.21 2.06
CA THR A 62 2.54 -18.35 1.39
C THR A 62 1.87 -17.28 0.54
N HIS A 63 0.59 -17.01 0.79
CA HIS A 63 -0.12 -16.05 -0.04
C HIS A 63 0.42 -14.64 0.08
N LEU A 64 0.89 -14.22 1.26
CA LEU A 64 1.45 -12.89 1.39
C LEU A 64 2.70 -12.74 0.50
N GLN A 65 3.54 -13.77 0.50
CA GLN A 65 4.73 -13.78 -0.34
C GLN A 65 4.35 -13.62 -1.81
N GLU A 66 3.35 -14.36 -2.23
CA GLU A 66 2.89 -14.31 -3.62
C GLU A 66 2.34 -12.94 -3.96
N PHE A 67 1.56 -12.38 -3.05
CA PHE A 67 0.95 -11.06 -3.21
C PHE A 67 2.01 -9.98 -3.35
N LEU A 68 3.00 -9.99 -2.45
CA LEU A 68 4.03 -8.96 -2.46
C LEU A 68 5.02 -9.12 -3.61
N GLY A 69 5.13 -10.32 -4.18
CA GLY A 69 5.99 -10.51 -5.34
C GLY A 69 7.42 -10.19 -4.98
N SER A 70 8.06 -9.39 -5.83
CA SER A 70 9.46 -9.06 -5.64
C SER A 70 9.73 -8.50 -4.24
N ASP A 71 8.80 -7.70 -3.72
CA ASP A 71 9.04 -7.07 -2.42
C ASP A 71 9.14 -8.09 -1.32
N ALA A 72 8.66 -9.32 -1.52
CA ALA A 72 8.69 -10.32 -0.44
C ALA A 72 10.10 -10.78 -0.08
N SER A 73 11.10 -10.53 -0.93
CA SER A 73 12.48 -10.88 -0.58
C SER A 73 13.02 -10.05 0.57
N THR A 74 12.31 -9.01 0.98
CA THR A 74 12.71 -8.18 2.11
C THR A 74 11.89 -8.46 3.36
N LEU A 75 11.05 -9.49 3.37
CA LEU A 75 10.28 -9.81 4.56
C LEU A 75 11.21 -10.16 5.73
N SER A 76 10.88 -9.64 6.90
CA SER A 76 11.66 -9.92 8.10
C SER A 76 11.40 -11.32 8.64
N THR A 77 10.25 -11.90 8.34
CA THR A 77 9.86 -13.22 8.80
C THR A 77 8.73 -13.68 7.89
N ASP A 78 8.45 -14.97 7.92
CA ASP A 78 7.29 -15.55 7.26
C ASP A 78 6.18 -15.67 8.30
N PRO A 79 5.15 -14.81 8.28
CA PRO A 79 4.12 -14.90 9.30
C PRO A 79 3.42 -16.25 9.27
N GLY A 80 2.91 -16.66 10.43
CA GLY A 80 2.01 -17.78 10.51
C GLY A 80 0.65 -17.45 9.90
N ASP A 81 -0.24 -18.43 9.91
CA ASP A 81 -1.56 -18.24 9.33
C ASP A 81 -2.43 -17.31 10.18
N ASN A 82 -3.25 -16.50 9.51
CA ASN A 82 -4.37 -15.79 10.10
C ASN A 82 -5.51 -15.84 9.08
N THR A 83 -6.73 -15.43 9.52
CA THR A 83 -7.85 -15.37 8.59
C THR A 83 -7.85 -14.08 7.78
N ASP A 84 -7.42 -12.97 8.38
CA ASP A 84 -7.50 -11.63 7.82
C ASP A 84 -6.12 -10.98 7.94
N GLY A 85 -5.80 -10.03 7.07
CA GLY A 85 -4.51 -9.37 7.22
C GLY A 85 -4.42 -8.18 6.30
N GLY A 86 -3.39 -7.36 6.51
CA GLY A 86 -3.22 -6.18 5.68
C GLY A 86 -1.86 -5.57 5.87
N ILE A 87 -1.66 -4.45 5.14
CA ILE A 87 -0.37 -3.77 5.16
C ILE A 87 -0.56 -2.31 5.49
N TYR A 88 0.46 -1.77 6.17
CA TYR A 88 0.59 -0.35 6.46
C TYR A 88 1.94 0.08 5.89
N LEU A 89 1.92 1.02 4.97
CA LEU A 89 3.11 1.51 4.29
C LEU A 89 3.29 2.98 4.63
N GLN A 90 4.53 3.41 4.86
CA GLN A 90 4.76 4.83 5.11
C GLN A 90 6.14 5.25 4.61
N GLY A 91 6.22 6.46 4.07
CA GLY A 91 7.49 7.00 3.64
C GLY A 91 7.24 8.21 2.77
N TYR A 92 7.97 8.31 1.66
CA TYR A 92 7.96 9.49 0.82
C TYR A 92 7.91 9.09 -0.64
N VAL A 93 7.36 10.00 -1.45
CA VAL A 93 7.25 9.80 -2.90
C VAL A 93 7.63 11.11 -3.57
N TYR A 94 8.53 11.04 -4.54
CA TYR A 94 8.92 12.24 -5.26
C TYR A 94 7.85 12.62 -6.28
N LEU A 95 7.28 13.81 -6.14
CA LEU A 95 6.30 14.33 -7.08
C LEU A 95 6.61 15.79 -7.36
N GLU A 96 6.58 16.17 -8.63
CA GLU A 96 6.65 17.57 -9.00
C GLU A 96 5.33 18.26 -8.67
N ALA A 97 5.40 19.57 -8.50
CA ALA A 97 4.19 20.35 -8.32
C ALA A 97 3.25 20.12 -9.49
N GLY A 98 1.96 20.01 -9.21
CA GLY A 98 0.98 19.78 -10.26
C GLY A 98 -0.25 19.07 -9.71
N THR A 99 -1.06 18.58 -10.63
CA THR A 99 -2.30 17.89 -10.32
C THR A 99 -2.14 16.40 -10.62
N TYR A 100 -2.70 15.58 -9.75
CA TYR A 100 -2.56 14.13 -9.81
C TYR A 100 -3.88 13.46 -9.44
N ASN A 101 -4.05 12.20 -9.85
CA ASN A 101 -5.11 11.41 -9.25
C ASN A 101 -4.73 9.93 -9.25
N PHE A 102 -5.20 9.22 -8.23
CA PHE A 102 -5.02 7.80 -8.13
C PHE A 102 -6.11 7.04 -8.88
N LYS A 103 -5.75 5.85 -9.36
CA LYS A 103 -6.69 4.86 -9.90
C LYS A 103 -6.25 3.55 -9.29
N VAL A 104 -7.08 2.96 -8.44
CA VAL A 104 -6.68 1.87 -7.58
C VAL A 104 -7.53 0.65 -7.88
N THR A 105 -6.88 -0.49 -8.09
CA THR A 105 -7.54 -1.78 -8.18
C THR A 105 -7.29 -2.51 -6.86
N ALA A 106 -8.36 -2.97 -6.20
CA ALA A 106 -8.21 -3.51 -4.86
C ALA A 106 -9.33 -4.47 -4.49
N ASP A 107 -8.96 -5.42 -3.65
CA ASP A 107 -9.85 -6.25 -2.84
C ASP A 107 -9.00 -6.53 -1.60
N ASP A 108 -9.37 -6.08 -0.40
CA ASP A 108 -10.59 -5.35 -0.01
C ASP A 108 -10.35 -3.86 -0.08
N GLY A 109 -10.51 -3.12 1.01
CA GLY A 109 -10.44 -1.67 0.97
C GLY A 109 -9.04 -1.13 1.26
N TYR A 110 -8.98 0.20 1.34
CA TYR A 110 -7.69 0.88 1.41
C TYR A 110 -7.86 2.35 1.73
N GLU A 111 -6.78 2.97 2.14
CA GLU A 111 -6.71 4.43 2.20
C GLU A 111 -5.28 4.87 1.94
N ILE A 112 -5.13 5.88 1.10
CA ILE A 112 -3.85 6.50 0.79
C ILE A 112 -3.95 7.96 1.20
N THR A 113 -2.94 8.43 1.93
CA THR A 113 -2.86 9.81 2.34
C THR A 113 -1.53 10.38 1.89
N ILE A 114 -1.55 11.64 1.45
CA ILE A 114 -0.34 12.36 1.08
C ILE A 114 -0.34 13.69 1.83
N ASN A 115 0.78 13.98 2.48
CA ASN A 115 0.93 15.18 3.28
C ASN A 115 -0.24 15.36 4.25
N GLY A 116 -0.70 14.24 4.82
CA GLY A 116 -1.72 14.24 5.83
C GLY A 116 -3.14 14.25 5.33
N ASN A 117 -3.37 14.25 4.02
CA ASN A 117 -4.70 14.37 3.47
C ASN A 117 -5.07 13.10 2.71
N PRO A 118 -6.22 12.50 3.00
CA PRO A 118 -6.65 11.34 2.22
C PRO A 118 -6.84 11.73 0.76
N VAL A 119 -6.27 10.92 -0.12
CA VAL A 119 -6.42 11.11 -1.56
C VAL A 119 -7.04 9.92 -2.26
N ALA A 120 -7.19 8.78 -1.58
CA ALA A 120 -7.91 7.66 -2.19
C ALA A 120 -8.41 6.79 -1.05
N THR A 121 -9.73 6.58 -0.97
CA THR A 121 -10.32 5.87 0.15
C THR A 121 -11.41 4.92 -0.31
N VAL A 122 -11.35 3.67 0.15
CA VAL A 122 -12.48 2.74 0.11
C VAL A 122 -12.58 2.14 1.50
N ASP A 123 -13.58 2.58 2.24
CA ASP A 123 -13.71 2.28 3.67
C ASP A 123 -14.63 1.09 3.90
N ASN A 124 -14.46 0.01 3.15
CA ASN A 124 -15.33 -1.15 3.25
C ASN A 124 -14.68 -2.29 2.49
N ASN A 125 -15.23 -3.49 2.68
CA ASN A 125 -14.81 -4.67 1.95
C ASN A 125 -15.42 -4.68 0.56
N GLN A 126 -14.73 -5.34 -0.37
CA GLN A 126 -15.19 -5.41 -1.74
C GLN A 126 -14.44 -6.48 -2.50
N SER A 127 -15.14 -7.10 -3.45
CA SER A 127 -14.45 -7.89 -4.46
C SER A 127 -13.64 -6.95 -5.35
N VAL A 128 -12.84 -7.50 -6.25
CA VAL A 128 -11.85 -6.65 -6.93
C VAL A 128 -12.53 -5.63 -7.84
N TYR A 129 -12.31 -4.34 -7.55
CA TYR A 129 -12.85 -3.25 -8.31
C TYR A 129 -11.75 -2.22 -8.52
N THR A 130 -11.88 -1.48 -9.61
CA THR A 130 -10.98 -0.38 -9.93
C THR A 130 -11.75 0.92 -9.77
N VAL A 131 -11.19 1.84 -8.98
CA VAL A 131 -11.78 3.14 -8.75
C VAL A 131 -10.84 4.22 -9.23
N THR A 132 -11.34 5.13 -10.06
CA THR A 132 -10.61 6.33 -10.44
C THR A 132 -11.00 7.43 -9.46
N HIS A 133 -10.05 7.85 -8.64
CA HIS A 133 -10.29 8.79 -7.57
C HIS A 133 -10.15 10.23 -8.06
N ALA A 134 -10.67 11.15 -7.23
CA ALA A 134 -10.65 12.57 -7.55
C ALA A 134 -9.24 13.14 -7.50
N SER A 135 -9.04 14.20 -8.26
CA SER A 135 -7.71 14.79 -8.36
C SER A 135 -7.36 15.57 -7.09
N PHE A 136 -6.06 15.74 -6.89
CA PHE A 136 -5.50 16.55 -5.82
C PHE A 136 -4.29 17.28 -6.37
N THR A 137 -3.85 18.30 -5.63
CA THR A 137 -2.72 19.11 -6.07
C THR A 137 -1.56 18.98 -5.10
N ILE A 138 -0.37 19.02 -5.68
CA ILE A 138 0.90 19.12 -4.97
C ILE A 138 1.44 20.51 -5.24
N SER A 139 1.68 21.27 -4.18
CA SER A 139 2.02 22.69 -4.36
C SER A 139 3.49 22.91 -4.67
N GLU A 140 4.37 22.05 -4.18
CA GLU A 140 5.80 22.24 -4.36
C GLU A 140 6.45 20.90 -4.69
N SER A 141 7.36 20.93 -5.65
CA SER A 141 8.07 19.72 -6.05
C SER A 141 8.96 19.21 -4.93
N GLY A 142 9.04 17.89 -4.82
CA GLY A 142 9.94 17.26 -3.87
C GLY A 142 9.37 15.95 -3.37
N TYR A 143 10.00 15.43 -2.32
CA TYR A 143 9.50 14.23 -1.65
C TYR A 143 8.31 14.61 -0.78
N GLN A 144 7.17 14.01 -1.06
CA GLN A 144 5.93 14.22 -0.33
C GLN A 144 5.76 13.05 0.64
N ALA A 145 5.23 13.33 1.83
CA ALA A 145 4.91 12.26 2.77
C ALA A 145 3.72 11.47 2.26
N ILE A 146 3.81 10.15 2.36
CA ILE A 146 2.72 9.29 1.91
C ILE A 146 2.58 8.11 2.85
N ASP A 147 1.34 7.70 3.11
CA ASP A 147 1.11 6.43 3.75
C ASP A 147 -0.05 5.73 3.07
N MET A 148 -0.08 4.42 3.27
CA MET A 148 -1.11 3.58 2.68
C MET A 148 -1.52 2.51 3.68
N ILE A 149 -2.82 2.21 3.69
CA ILE A 149 -3.40 1.04 4.34
C ILE A 149 -4.12 0.25 3.26
N TRP A 150 -4.03 -1.09 3.35
CA TRP A 150 -4.82 -1.99 2.53
C TRP A 150 -5.05 -3.22 3.37
N TRP A 151 -6.19 -3.90 3.19
CA TRP A 151 -6.38 -5.15 3.89
C TRP A 151 -7.21 -6.13 3.06
N ASP A 152 -7.19 -7.37 3.50
CA ASP A 152 -7.98 -8.48 3.00
C ASP A 152 -8.76 -9.06 4.17
N GLN A 153 -10.09 -9.07 4.05
CA GLN A 153 -10.97 -9.73 5.01
C GLN A 153 -11.08 -11.22 4.77
N GLY A 154 -10.50 -11.71 3.68
CA GLY A 154 -10.64 -13.09 3.28
C GLY A 154 -10.96 -13.19 1.80
N GLY A 155 -10.65 -14.35 1.22
CA GLY A 155 -10.98 -14.61 -0.17
C GLY A 155 -9.88 -14.15 -1.11
N ASP A 156 -10.27 -13.36 -2.10
CA ASP A 156 -9.30 -12.81 -3.04
CA ASP A 156 -9.29 -12.83 -3.03
C ASP A 156 -8.64 -11.57 -2.46
N TYR A 157 -7.54 -11.17 -3.08
CA TYR A 157 -6.76 -10.03 -2.60
C TYR A 157 -5.96 -9.47 -3.77
N VAL A 158 -5.96 -8.14 -3.87
CA VAL A 158 -5.17 -7.42 -4.88
C VAL A 158 -5.04 -5.99 -4.38
N PHE A 159 -3.91 -5.35 -4.73
CA PHE A 159 -3.75 -3.93 -4.37
C PHE A 159 -2.79 -3.29 -5.35
N GLN A 160 -3.29 -2.43 -6.23
CA GLN A 160 -2.46 -1.72 -7.20
C GLN A 160 -2.93 -0.28 -7.29
N PRO A 161 -2.38 0.60 -6.46
N PRO A 161 -2.29 0.63 -6.54
CA PRO A 161 -2.63 2.04 -6.63
CA PRO A 161 -2.66 2.06 -6.58
C PRO A 161 -1.71 2.55 -7.72
C PRO A 161 -1.81 2.86 -7.57
N THR A 162 -2.30 3.04 -8.79
CA THR A 162 -1.55 3.74 -9.83
C THR A 162 -1.88 5.23 -9.76
N LEU A 163 -0.97 6.04 -10.27
CA LEU A 163 -1.06 7.48 -10.16
C LEU A 163 -0.92 8.10 -11.54
N SER A 164 -1.69 9.14 -11.82
CA SER A 164 -1.60 9.90 -13.05
C SER A 164 -1.22 11.35 -12.76
N ALA A 165 -0.29 11.85 -13.56
CA ALA A 165 0.16 13.24 -13.53
C ALA A 165 -0.36 14.03 -14.72
N ASP A 166 -1.12 13.41 -15.61
CA ASP A 166 -1.51 14.05 -16.86
C ASP A 166 -3.00 13.93 -17.09
N GLY A 167 -3.77 14.02 -16.02
CA GLY A 167 -5.22 14.07 -16.12
C GLY A 167 -5.87 12.76 -16.46
N GLY A 168 -5.26 11.64 -16.06
CA GLY A 168 -5.82 10.34 -16.30
C GLY A 168 -5.51 9.74 -17.65
N SER A 169 -4.63 10.36 -18.41
N SER A 169 -4.60 10.35 -18.40
CA SER A 169 -4.28 9.79 -19.70
CA SER A 169 -4.22 9.84 -19.71
C SER A 169 -3.29 8.63 -19.55
C SER A 169 -3.24 8.69 -19.60
N THR A 170 -2.31 8.77 -18.65
CA THR A 170 -1.39 7.69 -18.36
C THR A 170 -1.27 7.55 -16.85
N TYR A 171 -0.98 6.34 -16.41
CA TYR A 171 -0.82 6.03 -14.99
C TYR A 171 0.45 5.23 -14.79
N PHE A 172 1.06 5.41 -13.61
CA PHE A 172 2.25 4.66 -13.24
C PHE A 172 2.10 4.04 -11.85
N VAL A 173 2.77 2.91 -11.69
CA VAL A 173 2.95 2.29 -10.38
C VAL A 173 3.98 3.09 -9.57
N LEU A 174 3.76 3.17 -8.26
CA LEU A 174 4.73 3.77 -7.34
C LEU A 174 5.79 2.72 -7.04
N ASP A 175 7.01 3.01 -7.44
CA ASP A 175 8.08 2.02 -7.32
C ASP A 175 9.39 2.75 -7.04
N SER A 176 10.48 2.01 -7.15
CA SER A 176 11.79 2.51 -6.75
C SER A 176 12.24 3.73 -7.55
N ALA A 177 11.60 4.05 -8.67
CA ALA A 177 11.97 5.25 -9.40
C ALA A 177 11.74 6.52 -8.57
N ILE A 178 10.74 6.52 -7.68
CA ILE A 178 10.32 7.75 -7.01
C ILE A 178 10.08 7.59 -5.51
N LEU A 179 10.12 6.36 -4.98
CA LEU A 179 9.88 6.18 -3.56
C LEU A 179 11.16 6.35 -2.74
N SER A 180 11.01 6.82 -1.51
CA SER A 180 12.11 6.91 -0.56
C SER A 180 11.61 6.62 0.83
N SER A 181 12.36 5.82 1.58
CA SER A 181 11.89 5.43 2.90
C SER A 181 12.01 6.56 3.91
N THR A 182 12.95 7.49 3.72
CA THR A 182 13.24 8.54 4.69
C THR A 182 13.05 9.94 4.15
N GLY A 183 12.90 10.11 2.84
CA GLY A 183 12.88 11.43 2.24
C GLY A 183 14.23 11.88 1.71
N GLU A 184 15.28 11.12 1.95
CA GLU A 184 16.56 11.37 1.28
C GLU A 184 16.58 10.62 -0.05
N THR A 185 17.47 11.04 -0.94
CA THR A 185 17.52 10.46 -2.28
C THR A 185 18.16 9.08 -2.22
N PRO A 186 17.48 8.02 -2.64
CA PRO A 186 18.11 6.70 -2.65
C PRO A 186 18.95 6.49 -3.91
N TYR A 187 20.12 5.87 -3.70
CA TYR A 187 21.04 5.45 -4.77
C TYR A 187 21.30 3.96 -4.62
N THR A 188 20.28 3.16 -4.86
CA THR A 188 20.35 1.72 -4.63
C THR A 188 20.14 0.96 -5.93
O4 Z61 B . -13.22 -9.82 0.37
C1 Z61 B . -15.90 -11.73 -2.07
C2 Z61 B . -14.45 -11.77 -2.61
C3 Z61 B . -13.59 -11.39 -1.38
C4 Z61 B . -14.01 -10.07 -0.76
C5 Z61 B . -15.49 -10.18 -0.42
C6 Z61 B . -16.04 -8.83 0.07
O1 Z61 B . -16.09 -12.77 -1.13
O3 Z61 B . -12.22 -11.33 -1.76
O5 Z61 B . -16.27 -10.50 -1.55
O6 Z61 B . -17.29 -9.02 0.67
H1 Z61 B . -16.49 -11.88 -2.82
H21 Z61 B . -14.10 -11.94 -3.45
H3 Z61 B . -13.72 -12.08 -0.70
H4 Z61 B . -13.90 -9.31 -1.36
H5 Z61 B . -15.56 -10.88 0.25
H61 Z61 B . -16.13 -8.22 -0.68
H62 Z61 B . -15.42 -8.46 0.72
HO1 Z61 B . -15.54 -12.71 -0.50
HO3 Z61 B . -12.17 -11.18 -2.59
HO6 Z61 B . -17.88 -9.11 0.07
HO4 Z61 B . -13.65 -9.34 0.93
CA CA C . -10.78 -10.25 0.03
CA CA D . 2.96 -17.65 6.06
CA CA E . -12.51 -12.20 7.75
CA CA F . 2.03 -1.73 15.74
CA CA G . 7.77 25.53 0.80
C1 EDO H . 6.30 -18.39 -1.79
O1 EDO H . 6.22 -19.74 -1.35
C2 EDO H . 7.56 -17.75 -1.19
O2 EDO H . 8.16 -16.83 -2.09
H11 EDO H . 5.41 -17.84 -1.47
H12 EDO H . 6.35 -18.35 -2.88
H21 EDO H . 8.27 -18.53 -0.94
H22 EDO H . 7.29 -17.23 -0.27
HO2 EDO H . 9.11 -17.05 -2.17
C1 EDO I . -4.52 -10.22 16.03
O1 EDO I . -5.52 -9.41 16.66
C2 EDO I . -3.43 -10.57 17.02
O2 EDO I . -2.82 -11.82 16.68
H11 EDO I . -4.08 -9.68 15.18
H12 EDO I . -4.98 -11.13 15.63
HO1 EDO I . -6.06 -8.96 15.98
H21 EDO I . -3.87 -10.64 18.03
H22 EDO I . -2.67 -9.79 17.04
HO2 EDO I . -2.08 -12.00 17.28
C1 EDO J . -1.46 3.55 12.11
O1 EDO J . -2.20 4.78 12.21
C2 EDO J . -0.04 3.79 12.58
O2 EDO J . -0.05 4.17 13.97
H11 EDO J . -1.47 3.19 11.08
H12 EDO J . -1.94 2.79 12.73
HO1 EDO J . -3.15 4.60 12.09
H21 EDO J . 0.43 4.58 11.99
H22 EDO J . 0.55 2.88 12.45
HO2 EDO J . 0.86 4.30 14.28
C1 EDO K . -12.18 14.94 -10.26
O1 EDO K . -10.85 14.62 -10.65
C2 EDO K . -12.16 16.00 -9.17
O2 EDO K . -13.42 16.66 -9.11
H11 EDO K . -12.68 14.04 -9.90
H12 EDO K . -12.73 15.30 -11.13
HO1 EDO K . -10.85 13.96 -11.36
H21 EDO K . -11.37 16.73 -9.39
H22 EDO K . -11.93 15.54 -8.21
HO2 EDO K . -13.38 17.38 -8.46
#